data_8CXF
#
_entry.id   8CXF
#
_cell.length_a   118.392
_cell.length_b   31.271
_cell.length_c   54.279
_cell.angle_alpha   90.000
_cell.angle_beta   92.930
_cell.angle_gamma   90.000
#
_symmetry.space_group_name_H-M   'C 1 2 1'
#
loop_
_entity.id
_entity.type
_entity.pdbx_description
1 polymer 'HRAS DNA'
2 non-polymer 1-METHOXY-2-[2-(2-METHOXY-ETHOXY]-ETHANE
3 water water
#
_entity_poly.entity_id   1
_entity_poly.type   'polydeoxyribonucleotide'
_entity_poly.pdbx_seq_one_letter_code
;(DC)(DG)(DC)(CBR)(DC)(DG)(DT)(DG)(DC)(DC)(DC)(DT)(DG)(DC)(DG)(DC)(DC)(DC)(DG)
(DC)(DA)(DA)(DC)(DC)(DC)(DG)(DA)
;
_entity_poly.pdbx_strand_id   B,A
#